data_1LY4
#
_entry.id   1LY4
#
_cell.length_a   37.047
_cell.length_b   43.128
_cell.length_c   60.730
_cell.angle_alpha   90.00
_cell.angle_beta   94.60
_cell.angle_gamma   90.00
#
_symmetry.space_group_name_H-M   'P 1 21 1'
#
loop_
_entity.id
_entity.type
_entity.pdbx_description
1 polymer 'DIHYDROFOLATE REDUCTASE'
2 non-polymer 'NADP NICOTINAMIDE-ADENINE-DINUCLEOTIDE PHOSPHATE'
3 non-polymer "2,4-DIAMINO-6-[N-(3',5'-DIMETHOXYBENZYL)-N-METHYLAMINO]PYRIDO[2,3-D]PYRIMIDINE"
4 water water
#
_entity_poly.entity_id   1
_entity_poly.type   'polypeptide(L)'
_entity_poly.pdbx_seq_one_letter_code
;MNQQKSLTLIVALTTSYGIGRSNSLPWKLKKEISYFKRVTSFVPTFDSFESMNVVLMGRKTWESIPLQFRPLKGRINVVI
TRNESLDLGNGIHSAKSLDHALELLYRTYGSESSVQINRIFVIGGAQLYKAAMDHPKLDRIMATIIYKDIHCDVFFPLKF
RDKEWSSVWKKEKHSDLESWVGTKVPHGKINEDGFDYEFEMWTRDL
;
_entity_poly.pdbx_strand_id   A
#
loop_
_chem_comp.id
_chem_comp.type
_chem_comp.name
_chem_comp.formula
COQ non-polymer 2,4-DIAMINO-6-[N-(3',5'-DIMETHOXYBENZYL)-N-METHYLAMINO]PYRIDO[2,3-D]PYRIMIDINE 'C17 H20 N6 O2'
NAP non-polymer 'NADP NICOTINAMIDE-ADENINE-DINUCLEOTIDE PHOSPHATE' 'C21 H28 N7 O17 P3'
#
# COMPACT_ATOMS: atom_id res chain seq x y z
N ASN A 2 -9.14 18.98 3.43
CA ASN A 2 -8.29 17.78 3.53
C ASN A 2 -9.01 16.54 4.12
N GLN A 3 -8.17 15.73 4.77
CA GLN A 3 -8.56 14.45 5.34
C GLN A 3 -9.70 14.49 6.36
N GLN A 4 -10.03 13.22 6.52
CA GLN A 4 -11.09 12.63 7.33
C GLN A 4 -10.66 11.22 7.74
N LYS A 5 -10.62 10.35 6.76
CA LYS A 5 -10.27 8.93 6.92
C LYS A 5 -8.77 8.70 7.12
N SER A 6 -8.49 7.47 7.52
CA SER A 6 -7.26 6.80 7.88
C SER A 6 -6.52 6.21 6.66
N LEU A 7 -5.18 6.27 6.72
CA LEU A 7 -4.40 5.68 5.62
C LEU A 7 -3.89 4.27 6.03
N THR A 8 -3.69 3.41 5.03
CA THR A 8 -3.15 2.07 5.07
C THR A 8 -1.95 2.17 4.08
N LEU A 9 -0.85 1.64 4.47
CA LEU A 9 0.44 1.41 3.88
C LEU A 9 0.54 -0.05 3.41
N ILE A 10 0.93 -0.41 2.17
CA ILE A 10 1.04 -1.91 2.03
C ILE A 10 2.48 -2.11 1.56
N VAL A 11 3.16 -3.12 2.12
CA VAL A 11 4.53 -3.40 1.79
C VAL A 11 4.93 -4.86 1.86
N ALA A 12 5.98 -5.23 1.14
CA ALA A 12 6.60 -6.56 1.00
C ALA A 12 8.11 -6.26 1.25
N LEU A 13 8.60 -6.72 2.36
CA LEU A 13 9.94 -6.42 2.81
C LEU A 13 10.59 -7.67 3.37
N THR A 14 11.86 -7.67 3.44
CA THR A 14 12.64 -8.83 3.98
C THR A 14 12.89 -8.51 5.42
N THR A 15 13.32 -9.43 6.21
CA THR A 15 13.59 -9.27 7.64
C THR A 15 14.62 -8.17 7.85
N SER A 16 15.23 -7.68 6.79
CA SER A 16 16.19 -6.62 7.05
C SER A 16 15.68 -5.28 6.57
N TYR A 17 14.42 -5.22 6.17
CA TYR A 17 13.70 -3.98 5.77
C TYR A 17 13.93 -3.62 4.34
N GLY A 18 14.52 -4.52 3.56
CA GLY A 18 14.81 -4.22 2.14
C GLY A 18 13.54 -4.30 1.29
N ILE A 19 13.34 -3.30 0.47
CA ILE A 19 12.06 -3.37 -0.31
C ILE A 19 12.20 -3.30 -1.83
N GLY A 20 13.32 -2.76 -2.28
CA GLY A 20 13.72 -2.65 -3.64
C GLY A 20 15.23 -2.83 -3.89
N ARG A 21 15.46 -3.00 -5.20
CA ARG A 21 16.74 -3.20 -5.84
C ARG A 21 16.71 -2.71 -7.29
N SER A 22 17.52 -1.74 -7.60
CA SER A 22 17.60 -1.29 -9.01
C SER A 22 16.23 -0.95 -9.58
N ASN A 23 15.41 -0.18 -8.89
CA ASN A 23 14.06 0.24 -9.24
C ASN A 23 12.97 -0.81 -9.53
N SER A 24 13.08 -1.98 -8.98
CA SER A 24 12.10 -3.06 -9.05
C SER A 24 12.08 -3.77 -7.71
N LEU A 25 11.10 -4.57 -7.45
CA LEU A 25 10.89 -5.36 -6.21
C LEU A 25 11.42 -6.77 -6.45
N PRO A 26 12.70 -6.94 -6.14
CA PRO A 26 13.50 -8.15 -6.38
C PRO A 26 13.02 -9.59 -6.27
N TRP A 27 11.75 -9.91 -6.23
CA TRP A 27 11.35 -11.34 -6.12
C TRP A 27 10.19 -11.53 -7.07
N LYS A 28 9.88 -12.71 -7.42
CA LYS A 28 8.98 -13.53 -8.17
C LYS A 28 7.85 -14.15 -7.35
N LEU A 29 6.89 -13.44 -6.80
CA LEU A 29 5.82 -14.06 -5.97
C LEU A 29 4.44 -13.68 -6.55
N LYS A 30 3.76 -14.60 -7.20
CA LYS A 30 2.46 -14.36 -7.85
C LYS A 30 1.27 -14.56 -6.94
N LYS A 31 1.54 -15.22 -5.83
CA LYS A 31 0.57 -15.47 -4.74
C LYS A 31 0.61 -14.29 -3.79
N GLU A 32 1.71 -13.60 -3.63
CA GLU A 32 1.96 -12.43 -2.88
C GLU A 32 1.58 -11.28 -3.75
N ILE A 33 1.61 -11.38 -5.04
CA ILE A 33 1.21 -10.24 -5.93
C ILE A 33 -0.30 -10.34 -6.02
N SER A 34 -0.68 -11.60 -5.86
CA SER A 34 -2.12 -11.93 -5.91
C SER A 34 -2.82 -11.31 -4.69
N TYR A 35 -2.22 -11.33 -3.55
CA TYR A 35 -2.70 -10.82 -2.28
C TYR A 35 -2.75 -9.29 -2.33
N PHE A 36 -1.78 -8.66 -2.92
CA PHE A 36 -1.75 -7.18 -3.01
C PHE A 36 -3.06 -6.75 -3.72
N LYS A 37 -3.62 -7.51 -4.67
CA LYS A 37 -4.84 -7.20 -5.36
C LYS A 37 -6.13 -7.38 -4.55
N ARG A 38 -6.32 -8.50 -3.85
CA ARG A 38 -7.57 -8.61 -3.07
C ARG A 38 -7.54 -7.44 -2.06
N VAL A 39 -6.39 -7.29 -1.40
CA VAL A 39 -6.31 -6.20 -0.42
C VAL A 39 -6.81 -4.86 -0.94
N THR A 40 -6.03 -4.34 -1.84
CA THR A 40 -6.06 -3.07 -2.58
C THR A 40 -7.33 -2.85 -3.31
N SER A 41 -8.19 -3.82 -3.51
CA SER A 41 -9.44 -3.59 -4.22
C SER A 41 -10.66 -4.15 -3.52
N PHE A 42 -10.65 -4.65 -2.31
CA PHE A 42 -11.75 -5.16 -1.54
C PHE A 42 -12.56 -4.14 -0.75
N VAL A 43 -13.71 -3.85 -1.33
CA VAL A 43 -14.71 -2.92 -0.77
C VAL A 43 -15.88 -3.85 -0.44
N PRO A 44 -16.49 -3.73 0.71
CA PRO A 44 -17.61 -4.56 1.15
C PRO A 44 -18.77 -4.65 0.18
N THR A 45 -19.14 -5.90 -0.02
CA THR A 45 -20.18 -6.35 -0.94
C THR A 45 -21.29 -5.36 -1.29
N PHE A 46 -21.81 -4.76 -0.22
CA PHE A 46 -22.94 -3.82 -0.25
C PHE A 46 -22.52 -2.51 -0.90
N ASP A 47 -21.63 -1.78 -0.26
CA ASP A 47 -21.05 -0.53 -0.70
C ASP A 47 -20.32 -0.73 -2.05
N SER A 48 -20.16 -2.01 -2.36
CA SER A 48 -19.37 -2.34 -3.57
C SER A 48 -19.94 -1.66 -4.82
N PHE A 49 -21.19 -1.19 -4.69
CA PHE A 49 -21.84 -0.53 -5.86
C PHE A 49 -21.17 0.77 -6.27
N GLU A 50 -21.26 1.75 -5.39
CA GLU A 50 -20.68 3.08 -5.55
C GLU A 50 -19.20 3.25 -5.16
N SER A 51 -18.69 2.51 -4.18
CA SER A 51 -17.32 2.65 -3.64
C SER A 51 -16.21 1.93 -4.34
N MET A 52 -15.13 2.68 -4.59
CA MET A 52 -13.84 2.23 -5.19
C MET A 52 -12.72 2.73 -4.26
N ASN A 53 -11.66 1.92 -4.10
CA ASN A 53 -10.48 2.13 -3.29
C ASN A 53 -9.42 3.03 -4.00
N VAL A 54 -8.57 3.62 -3.20
CA VAL A 54 -7.50 4.43 -3.93
C VAL A 54 -6.10 3.93 -3.63
N VAL A 55 -5.18 3.78 -4.54
CA VAL A 55 -3.83 3.33 -4.11
C VAL A 55 -3.05 4.63 -4.27
N LEU A 56 -2.12 5.05 -3.48
CA LEU A 56 -1.30 6.23 -3.66
C LEU A 56 0.11 5.71 -4.07
N MET A 57 0.88 6.34 -4.93
CA MET A 57 2.23 5.86 -5.20
C MET A 57 3.17 6.97 -5.57
N GLY A 58 4.43 6.81 -5.33
CA GLY A 58 5.58 7.64 -5.69
C GLY A 58 5.80 7.33 -7.19
N ARG A 59 6.37 8.26 -7.90
CA ARG A 59 6.51 8.09 -9.37
C ARG A 59 7.40 6.95 -9.76
N LYS A 60 8.54 6.78 -9.09
CA LYS A 60 9.46 5.66 -9.41
C LYS A 60 8.66 4.36 -9.49
N THR A 61 7.97 3.97 -8.46
CA THR A 61 7.07 2.83 -8.43
C THR A 61 6.13 2.97 -9.61
N TRP A 62 5.76 4.23 -9.88
CA TRP A 62 4.78 4.38 -11.00
C TRP A 62 5.37 3.58 -12.22
N GLU A 63 6.58 3.97 -12.44
CA GLU A 63 7.54 3.60 -13.44
C GLU A 63 7.81 2.11 -13.37
N SER A 64 8.20 1.61 -12.24
CA SER A 64 8.53 0.26 -11.82
C SER A 64 7.29 -0.59 -11.99
N ILE A 65 6.14 0.01 -12.36
CA ILE A 65 4.99 -0.93 -12.54
C ILE A 65 4.83 -1.23 -14.04
N PRO A 66 4.88 -2.51 -14.38
CA PRO A 66 4.65 -2.98 -15.75
C PRO A 66 3.58 -2.16 -16.48
N LEU A 67 3.88 -1.83 -17.73
CA LEU A 67 3.13 -1.08 -18.71
C LEU A 67 1.75 -1.71 -18.86
N GLN A 68 1.88 -3.02 -18.92
CA GLN A 68 0.67 -3.83 -18.99
C GLN A 68 -0.14 -3.70 -17.70
N PHE A 69 0.51 -3.53 -16.54
CA PHE A 69 -0.25 -3.55 -15.28
C PHE A 69 -1.03 -2.34 -14.86
N ARG A 70 -0.61 -1.16 -15.26
CA ARG A 70 -1.24 0.10 -14.97
C ARG A 70 -2.12 0.75 -16.02
N PRO A 71 -2.91 1.70 -15.58
CA PRO A 71 -3.09 2.13 -14.18
C PRO A 71 -3.75 0.94 -13.48
N LEU A 72 -3.52 0.77 -12.18
CA LEU A 72 -4.06 -0.38 -11.43
C LEU A 72 -5.57 -0.26 -11.44
N LYS A 73 -6.13 -1.26 -12.11
CA LYS A 73 -7.55 -1.46 -12.35
C LYS A 73 -8.47 -1.78 -11.16
N GLY A 74 -9.43 -0.89 -11.25
CA GLY A 74 -10.50 -0.84 -10.24
C GLY A 74 -10.13 -0.26 -8.86
N ARG A 75 -9.36 0.80 -8.97
CA ARG A 75 -8.86 1.61 -7.87
C ARG A 75 -8.45 2.96 -8.48
N ILE A 76 -8.79 4.02 -7.77
CA ILE A 76 -8.41 5.36 -8.31
C ILE A 76 -6.92 5.27 -8.13
N ASN A 77 -6.18 5.73 -9.11
CA ASN A 77 -4.71 5.68 -9.11
C ASN A 77 -4.21 7.08 -8.90
N VAL A 78 -3.26 7.35 -7.99
CA VAL A 78 -2.79 8.77 -7.88
C VAL A 78 -1.29 8.75 -7.91
N VAL A 79 -0.50 9.68 -8.44
CA VAL A 79 0.96 9.58 -8.32
C VAL A 79 1.50 10.85 -7.64
N ILE A 80 2.37 10.76 -6.67
CA ILE A 80 2.99 11.77 -5.91
C ILE A 80 4.38 11.99 -6.55
N THR A 81 4.47 13.23 -7.02
CA THR A 81 5.61 13.78 -7.73
C THR A 81 5.69 15.29 -7.60
N ARG A 82 6.52 15.77 -6.79
CA ARG A 82 6.92 17.11 -6.41
C ARG A 82 6.99 18.10 -7.56
N ASN A 83 7.47 17.58 -8.66
CA ASN A 83 7.70 18.32 -9.90
C ASN A 83 6.70 17.75 -10.88
N GLU A 84 5.44 17.84 -10.47
CA GLU A 84 4.39 17.29 -11.36
C GLU A 84 4.75 17.91 -12.72
N SER A 85 5.52 17.09 -13.45
CA SER A 85 5.93 17.54 -14.81
C SER A 85 4.59 17.64 -15.56
N LEU A 86 4.18 16.45 -15.91
CA LEU A 86 2.91 16.14 -16.57
C LEU A 86 2.47 14.80 -15.96
N ASP A 87 1.69 14.07 -16.71
CA ASP A 87 1.28 12.74 -16.23
C ASP A 87 0.45 12.17 -17.39
N LEU A 88 0.92 11.02 -17.88
CA LEU A 88 0.08 10.44 -18.95
C LEU A 88 -0.94 9.58 -18.18
N GLY A 89 -2.18 9.78 -18.65
CA GLY A 89 -3.26 8.96 -18.04
C GLY A 89 -4.54 9.46 -18.72
N ASN A 90 -5.51 8.62 -18.47
CA ASN A 90 -6.88 8.81 -18.98
C ASN A 90 -7.85 8.78 -17.80
N GLY A 91 -7.44 9.60 -16.84
CA GLY A 91 -8.17 9.88 -15.58
C GLY A 91 -7.37 9.48 -14.34
N ILE A 92 -6.09 9.83 -14.39
CA ILE A 92 -5.18 9.45 -13.27
C ILE A 92 -4.53 10.76 -12.86
N HIS A 93 -4.58 10.95 -11.57
CA HIS A 93 -4.04 12.18 -10.97
C HIS A 93 -2.60 12.05 -10.54
N SER A 94 -1.99 13.16 -10.27
CA SER A 94 -0.62 13.41 -9.79
C SER A 94 -0.86 14.45 -8.68
N ALA A 95 -0.15 14.51 -7.59
CA ALA A 95 -0.51 15.52 -6.50
C ALA A 95 0.84 15.88 -5.98
N LYS A 96 1.09 16.98 -5.39
CA LYS A 96 2.47 17.45 -5.03
C LYS A 96 3.00 16.74 -3.82
N SER A 97 2.08 16.21 -2.99
CA SER A 97 2.34 15.43 -1.77
C SER A 97 1.15 14.57 -1.41
N LEU A 98 1.30 13.80 -0.34
CA LEU A 98 0.20 12.97 0.14
C LEU A 98 -1.01 13.83 0.50
N ASP A 99 -0.73 14.89 1.15
CA ASP A 99 -1.66 15.90 1.64
C ASP A 99 -2.41 16.53 0.50
N HIS A 100 -1.60 16.89 -0.53
CA HIS A 100 -2.32 17.48 -1.68
C HIS A 100 -3.18 16.41 -2.34
N ALA A 101 -2.58 15.23 -2.30
CA ALA A 101 -3.37 14.12 -2.94
C ALA A 101 -4.70 13.93 -2.22
N LEU A 102 -4.84 13.92 -0.91
CA LEU A 102 -6.15 13.72 -0.24
C LEU A 102 -7.16 14.81 -0.51
N GLU A 103 -6.69 16.05 -0.60
CA GLU A 103 -7.47 17.25 -0.92
C GLU A 103 -7.97 17.09 -2.37
N LEU A 104 -7.25 16.63 -3.35
CA LEU A 104 -7.57 16.33 -4.73
C LEU A 104 -8.65 15.27 -4.91
N LEU A 105 -8.67 14.27 -4.05
CA LEU A 105 -9.67 13.18 -4.03
C LEU A 105 -11.01 13.58 -3.43
N TYR A 106 -10.98 14.41 -2.45
CA TYR A 106 -12.10 14.99 -1.68
C TYR A 106 -12.82 15.91 -2.63
N ARG A 107 -12.15 16.95 -3.01
CA ARG A 107 -12.64 17.87 -4.01
C ARG A 107 -13.23 17.18 -5.22
N THR A 108 -12.50 16.24 -5.77
CA THR A 108 -12.83 15.52 -7.00
C THR A 108 -13.97 14.56 -6.93
N TYR A 109 -14.04 13.81 -5.85
CA TYR A 109 -15.04 12.77 -5.56
C TYR A 109 -15.91 13.31 -4.46
N GLY A 110 -16.31 12.44 -3.57
CA GLY A 110 -17.15 12.87 -2.42
C GLY A 110 -18.40 13.69 -2.73
N SER A 111 -18.20 14.80 -3.41
CA SER A 111 -19.25 15.75 -3.79
C SER A 111 -20.27 15.15 -4.75
N GLU A 112 -20.49 15.75 -5.89
CA GLU A 112 -21.32 15.50 -7.04
C GLU A 112 -20.83 14.36 -7.94
N SER A 113 -20.48 13.27 -7.29
CA SER A 113 -19.92 12.05 -7.81
C SER A 113 -20.71 10.80 -7.40
N SER A 114 -20.61 9.87 -8.35
CA SER A 114 -21.12 8.52 -8.57
C SER A 114 -20.14 7.53 -7.90
N VAL A 115 -18.93 8.08 -7.93
CA VAL A 115 -17.76 7.49 -7.34
C VAL A 115 -17.46 8.00 -5.93
N GLN A 116 -17.46 7.08 -5.00
CA GLN A 116 -17.10 7.30 -3.57
C GLN A 116 -15.86 6.45 -3.21
N ILE A 117 -15.04 7.00 -2.33
CA ILE A 117 -13.81 6.26 -1.98
C ILE A 117 -14.07 5.46 -0.74
N ASN A 118 -13.51 4.29 -0.58
CA ASN A 118 -13.70 3.44 0.64
C ASN A 118 -12.43 3.58 1.42
N ARG A 119 -11.44 2.76 1.24
CA ARG A 119 -10.10 2.65 1.74
C ARG A 119 -9.03 3.21 0.80
N ILE A 120 -8.12 3.93 1.40
CA ILE A 120 -6.97 4.62 0.77
C ILE A 120 -5.64 3.91 1.07
N PHE A 121 -4.92 3.42 0.09
CA PHE A 121 -3.66 2.76 0.21
C PHE A 121 -2.45 3.47 -0.26
N VAL A 122 -1.34 3.33 0.48
CA VAL A 122 0.00 3.75 0.10
C VAL A 122 0.74 2.41 -0.22
N ILE A 123 1.14 2.38 -1.46
CA ILE A 123 1.87 1.27 -2.10
C ILE A 123 3.33 1.59 -2.29
N GLY A 124 3.76 2.81 -2.07
CA GLY A 124 5.16 3.05 -2.20
C GLY A 124 5.50 4.28 -3.00
N GLY A 125 6.80 4.39 -3.07
CA GLY A 125 7.95 3.63 -2.65
C GLY A 125 8.59 4.14 -1.37
N ALA A 126 9.85 3.91 -1.23
CA ALA A 126 10.64 4.27 -0.08
C ALA A 126 10.46 5.70 0.32
N GLN A 127 10.29 6.64 -0.55
CA GLN A 127 10.12 8.05 -0.35
C GLN A 127 8.71 8.41 0.11
N LEU A 128 7.73 7.78 -0.54
CA LEU A 128 6.38 7.99 -0.18
C LEU A 128 6.05 7.27 1.13
N TYR A 129 6.67 6.17 1.45
CA TYR A 129 6.52 5.35 2.64
C TYR A 129 6.94 6.16 3.87
N LYS A 130 7.96 6.95 3.69
CA LYS A 130 8.57 7.77 4.71
C LYS A 130 7.66 8.91 5.18
N ALA A 131 7.04 9.56 4.28
CA ALA A 131 6.04 10.60 4.40
C ALA A 131 4.76 9.96 4.92
N ALA A 132 4.25 8.80 4.64
CA ALA A 132 3.02 8.24 5.22
C ALA A 132 3.16 7.78 6.66
N MET A 133 4.36 7.52 7.07
CA MET A 133 4.78 7.02 8.37
C MET A 133 4.83 8.23 9.34
N ASP A 134 5.01 9.41 8.80
CA ASP A 134 5.06 10.65 9.54
C ASP A 134 3.69 11.34 9.45
N HIS A 135 2.68 10.87 8.83
CA HIS A 135 1.33 11.36 8.67
C HIS A 135 0.44 10.88 9.84
N PRO A 136 -0.18 11.83 10.53
CA PRO A 136 -1.05 11.57 11.61
C PRO A 136 -2.17 10.64 11.18
N LYS A 137 -2.31 10.41 9.89
CA LYS A 137 -3.52 9.57 9.55
C LYS A 137 -3.19 8.14 9.27
N LEU A 138 -1.96 7.80 9.17
CA LEU A 138 -1.54 6.38 8.92
C LEU A 138 -1.66 5.56 10.15
N ASP A 139 -2.51 4.59 10.25
CA ASP A 139 -2.70 3.77 11.44
C ASP A 139 -2.48 2.28 11.17
N ARG A 140 -2.27 1.87 9.96
CA ARG A 140 -2.13 0.44 9.70
C ARG A 140 -1.15 0.08 8.63
N ILE A 141 -0.43 -1.02 8.93
CA ILE A 141 0.54 -1.48 7.90
C ILE A 141 0.23 -2.93 7.50
N MET A 142 -0.04 -3.14 6.20
CA MET A 142 -0.33 -4.47 5.70
C MET A 142 1.06 -4.95 5.21
N ALA A 143 1.74 -5.79 5.88
CA ALA A 143 3.10 -6.26 5.54
C ALA A 143 3.27 -7.74 5.19
N THR A 144 3.99 -7.96 4.12
CA THR A 144 4.36 -9.36 3.78
C THR A 144 5.86 -9.52 4.17
N ILE A 145 6.26 -10.47 4.94
CA ILE A 145 7.63 -10.66 5.39
C ILE A 145 8.29 -11.81 4.61
N ILE A 146 9.38 -11.50 3.89
CA ILE A 146 10.22 -12.33 3.05
C ILE A 146 11.52 -12.60 3.83
N TYR A 147 11.51 -13.77 4.32
CA TYR A 147 12.43 -14.56 5.14
C TYR A 147 13.54 -15.16 4.26
N LYS A 148 14.42 -14.28 3.85
CA LYS A 148 15.61 -14.42 3.05
C LYS A 148 16.38 -13.11 3.23
N ASP A 149 17.68 -13.12 3.19
CA ASP A 149 18.49 -11.91 3.27
C ASP A 149 18.94 -11.51 1.85
N ILE A 150 17.96 -11.30 1.02
CA ILE A 150 18.01 -10.88 -0.36
C ILE A 150 18.63 -9.47 -0.43
N HIS A 151 19.49 -9.27 -1.40
CA HIS A 151 20.10 -7.95 -1.64
C HIS A 151 19.16 -6.95 -2.35
N CYS A 152 19.11 -5.79 -1.64
CA CYS A 152 18.24 -4.68 -1.97
C CYS A 152 19.08 -3.42 -1.93
N ASP A 153 18.57 -2.39 -2.54
CA ASP A 153 19.31 -1.09 -2.42
C ASP A 153 18.40 -0.06 -1.75
N VAL A 154 17.14 -0.33 -1.61
CA VAL A 154 16.11 0.51 -0.97
C VAL A 154 15.58 -0.23 0.24
N PHE A 155 15.44 0.58 1.28
CA PHE A 155 14.97 0.14 2.58
C PHE A 155 13.65 0.70 3.12
N PHE A 156 12.94 -0.10 3.91
CA PHE A 156 11.70 0.53 4.55
C PHE A 156 12.31 1.48 5.59
N PRO A 157 11.83 2.75 5.63
CA PRO A 157 12.40 3.74 6.52
C PRO A 157 12.14 3.56 7.99
N LEU A 158 11.32 2.61 8.39
CA LEU A 158 11.06 2.57 9.87
C LEU A 158 11.08 1.19 10.45
N LYS A 159 11.92 0.83 11.37
CA LYS A 159 11.86 -0.55 11.86
C LYS A 159 10.78 -0.75 12.87
N PHE A 160 9.60 -0.80 12.34
CA PHE A 160 8.26 -0.95 12.95
C PHE A 160 8.10 -2.23 13.71
N ARG A 161 8.80 -3.26 13.25
CA ARG A 161 8.85 -4.62 13.82
C ARG A 161 9.89 -4.74 14.96
N ASP A 162 10.85 -3.89 15.28
CA ASP A 162 11.92 -3.85 16.24
C ASP A 162 11.28 -3.51 17.60
N LYS A 163 12.01 -3.76 18.63
CA LYS A 163 11.70 -3.45 20.01
C LYS A 163 11.53 -1.95 20.16
N GLU A 164 12.31 -1.06 19.64
CA GLU A 164 12.22 0.35 19.71
C GLU A 164 10.81 0.89 19.38
N TRP A 165 10.00 0.16 18.62
CA TRP A 165 8.67 0.64 18.26
C TRP A 165 7.53 -0.27 18.77
N SER A 166 7.79 -1.14 19.72
CA SER A 166 6.82 -2.09 20.26
C SER A 166 5.73 -1.49 21.12
N SER A 167 5.91 -0.31 21.66
CA SER A 167 4.79 0.35 22.35
C SER A 167 3.92 1.14 21.37
N VAL A 168 4.28 1.31 20.10
CA VAL A 168 3.38 2.00 19.13
C VAL A 168 2.79 1.03 18.15
N TRP A 169 3.49 0.18 17.45
CA TRP A 169 2.93 -0.78 16.48
C TRP A 169 2.84 -2.11 17.18
N LYS A 170 1.74 -2.77 16.95
CA LYS A 170 1.36 -4.03 17.54
C LYS A 170 0.95 -4.89 16.35
N LYS A 171 1.25 -6.15 16.39
CA LYS A 171 0.95 -7.12 15.32
C LYS A 171 -0.43 -7.68 15.70
N GLU A 172 -1.38 -7.64 14.82
CA GLU A 172 -2.71 -8.05 15.20
C GLU A 172 -2.87 -9.50 14.93
N LYS A 173 -3.95 -10.11 15.32
CA LYS A 173 -4.34 -11.48 15.15
C LYS A 173 -4.68 -11.72 13.67
N HIS A 174 -4.37 -12.93 13.22
CA HIS A 174 -4.61 -13.43 11.89
C HIS A 174 -6.11 -13.30 11.55
N SER A 175 -6.98 -13.66 12.47
CA SER A 175 -8.43 -13.57 12.37
C SER A 175 -8.85 -12.11 12.07
N ASP A 176 -8.05 -11.23 12.65
CA ASP A 176 -8.53 -9.83 12.33
C ASP A 176 -7.84 -9.43 11.07
N LEU A 177 -6.81 -10.13 10.62
CA LEU A 177 -6.23 -9.82 9.29
C LEU A 177 -7.34 -10.25 8.30
N GLU A 178 -7.79 -11.47 8.21
CA GLU A 178 -8.82 -11.90 7.27
C GLU A 178 -10.08 -11.09 7.50
N SER A 179 -10.50 -10.89 8.72
CA SER A 179 -11.68 -10.04 8.91
C SER A 179 -11.46 -8.69 8.25
N TRP A 180 -10.33 -7.99 8.21
CA TRP A 180 -10.13 -6.69 7.55
C TRP A 180 -10.12 -6.83 6.03
N VAL A 181 -9.42 -7.82 5.50
CA VAL A 181 -9.36 -7.94 4.02
C VAL A 181 -10.78 -8.48 3.79
N GLY A 182 -11.11 -9.68 3.63
CA GLY A 182 -12.41 -10.33 3.48
C GLY A 182 -11.95 -11.81 3.43
N THR A 183 -11.75 -12.20 2.20
CA THR A 183 -11.20 -13.50 1.86
C THR A 183 -10.30 -13.98 3.01
N LYS A 184 -10.33 -15.30 3.00
CA LYS A 184 -9.58 -16.21 3.89
C LYS A 184 -8.18 -16.02 3.39
N VAL A 185 -7.20 -15.94 4.25
CA VAL A 185 -5.79 -15.68 3.95
C VAL A 185 -4.95 -16.76 4.61
N PRO A 186 -3.98 -17.19 3.84
CA PRO A 186 -3.02 -18.20 4.27
C PRO A 186 -2.48 -17.83 5.65
N HIS A 187 -2.63 -18.78 6.56
CA HIS A 187 -2.14 -18.66 7.93
C HIS A 187 -0.65 -18.91 7.78
N GLY A 188 0.21 -19.05 8.72
CA GLY A 188 1.62 -19.21 8.55
C GLY A 188 2.38 -18.90 7.27
N LYS A 189 3.55 -19.52 7.34
CA LYS A 189 4.66 -19.51 6.42
C LYS A 189 4.11 -20.22 5.21
N ILE A 190 4.42 -19.59 4.10
CA ILE A 190 4.06 -19.78 2.71
C ILE A 190 5.43 -19.77 2.04
N ASN A 191 5.57 -20.69 1.08
CA ASN A 191 6.86 -20.84 0.36
C ASN A 191 6.54 -21.04 -1.12
N GLU A 192 7.07 -20.12 -1.87
CA GLU A 192 6.83 -20.12 -3.35
C GLU A 192 8.13 -19.60 -3.88
N ASP A 193 8.76 -20.23 -4.83
CA ASP A 193 10.05 -19.87 -5.45
C ASP A 193 11.34 -19.76 -4.62
N GLY A 194 11.42 -20.68 -3.66
CA GLY A 194 12.60 -20.73 -2.78
C GLY A 194 12.57 -19.92 -1.50
N PHE A 195 11.64 -19.02 -1.36
CA PHE A 195 11.44 -18.14 -0.20
C PHE A 195 10.22 -18.52 0.70
N ASP A 196 10.40 -18.22 1.95
CA ASP A 196 9.38 -18.39 2.99
C ASP A 196 8.84 -17.00 3.35
N TYR A 197 7.53 -16.81 3.27
CA TYR A 197 6.96 -15.47 3.58
C TYR A 197 5.66 -15.65 4.37
N GLU A 198 5.25 -14.58 4.95
CA GLU A 198 4.10 -14.46 5.82
C GLU A 198 3.46 -13.08 5.66
N PHE A 199 2.15 -13.08 5.85
CA PHE A 199 1.23 -11.96 5.79
C PHE A 199 0.99 -11.44 7.20
N GLU A 200 1.24 -10.18 7.52
CA GLU A 200 0.94 -9.67 8.87
C GLU A 200 0.13 -8.39 8.65
N MET A 201 -0.60 -7.99 9.61
CA MET A 201 -1.35 -6.73 9.75
C MET A 201 -0.83 -6.03 11.05
N TRP A 202 -0.30 -4.78 10.93
CA TRP A 202 0.29 -4.02 12.07
C TRP A 202 -0.50 -2.72 12.30
N THR A 203 -0.82 -2.42 13.55
CA THR A 203 -1.69 -1.22 13.67
C THR A 203 -1.14 -0.37 14.82
N ARG A 204 -1.36 0.94 14.83
CA ARG A 204 -0.84 1.88 15.80
C ARG A 204 -2.03 2.69 16.32
N ASP A 205 -1.89 3.47 17.38
CA ASP A 205 -3.12 4.17 17.83
C ASP A 205 -2.81 5.60 17.43
N LEU A 206 -3.80 6.26 16.87
CA LEU A 206 -3.63 7.68 16.49
C LEU A 206 -3.83 8.65 17.67
PA NAP B . 9.15 6.20 -4.90
O1A NAP B . 8.48 5.01 -5.57
O2A NAP B . 8.82 6.91 -3.70
O5B NAP B . 9.30 7.35 -6.16
C5B NAP B . 10.06 8.51 -5.60
C4B NAP B . 9.47 9.79 -6.22
O4B NAP B . 8.26 9.94 -5.97
C3B NAP B . 10.21 10.98 -5.35
O3B NAP B . 11.50 10.94 -6.14
C2B NAP B . 9.16 12.04 -5.73
O2B NAP B . 8.95 12.21 -7.10
C1B NAP B . 7.91 11.19 -5.34
N9A NAP B . 7.70 11.22 -3.91
C8A NAP B . 7.85 10.22 -3.03
N7A NAP B . 7.62 10.59 -1.79
C5A NAP B . 7.31 12.02 -1.98
C6A NAP B . 6.92 13.20 -1.05
N6A NAP B . 6.84 13.08 0.29
N1A NAP B . 6.68 14.42 -1.58
C2A NAP B . 6.84 14.47 -2.91
N3A NAP B . 7.16 13.54 -3.78
C4A NAP B . 7.40 12.33 -3.24
O3 NAP B . 10.63 5.66 -4.98
PN NAP B . 11.73 4.88 -4.13
O1N NAP B . 11.76 5.16 -2.74
O2N NAP B . 12.98 5.12 -4.89
O5D NAP B . 11.42 3.28 -4.31
C5D NAP B . 11.21 2.70 -5.60
C4D NAP B . 11.72 1.29 -5.38
O4D NAP B . 11.03 0.77 -4.15
C3D NAP B . 11.47 0.23 -6.52
O3D NAP B . 12.36 -0.94 -6.19
C2D NAP B . 9.98 -0.04 -6.11
O2D NAP B . 9.51 -1.11 -6.81
C1D NAP B . 10.27 -0.41 -4.65
N1N NAP B . 9.15 -0.69 -3.63
C2N NAP B . 8.99 -1.94 -2.97
C3N NAP B . 7.77 -2.29 -2.57
C7N NAP B . 7.55 -3.59 -1.86
O7N NAP B . 6.40 -3.74 -1.53
N7N NAP B . 8.60 -4.39 -1.64
C4N NAP B . 6.48 -1.45 -2.80
C5N NAP B . 6.79 -0.16 -3.49
C6N NAP B . 8.04 0.16 -3.80
P2B NAP B . 9.47 13.31 -8.33
O1X NAP B . 9.27 14.63 -7.55
O2X NAP B . 8.52 13.06 -9.41
O3X NAP B . 10.92 12.95 -8.46
C2B COQ C . 2.89 -6.03 -1.73
C4B COQ C . 3.33 -3.74 -2.35
C4A COQ C . 3.78 -4.17 -3.61
C5B COQ C . 4.28 -3.26 -4.60
C6B COQ C . 4.75 -3.75 -5.83
C7' COQ C . 4.66 -5.14 -6.04
C8A COQ C . 3.79 -5.56 -3.86
C9' COQ C . 4.09 -2.49 -7.74
C1' COQ C . 3.62 -3.62 -8.69
C2' COQ C . 4.48 -4.39 -9.50
C3' COQ C . 3.91 -5.38 -10.33
C4' COQ C . 2.53 -5.58 -10.44
C5' COQ C . 1.70 -4.73 -9.73
C6' COQ C . 2.22 -3.80 -8.84
C31 COQ C . 5.18 -7.49 -10.86
C51 COQ C . 0.16 -5.94 -10.94
CN' COQ C . 6.53 -2.41 -7.08
N1' COQ C . 3.38 -6.45 -2.92
N2' COQ C . 2.45 -6.77 -0.69
N3' COQ C . 2.91 -4.70 -1.48
N4' COQ C . 3.27 -2.48 -1.82
N8' COQ C . 4.22 -6.04 -5.07
N9' COQ C . 5.16 -2.88 -6.83
O3' COQ C . 4.69 -6.19 -11.19
O5' COQ C . 0.32 -4.98 -9.84
#